data_3FBN
#
_entry.id   3FBN
#
_cell.length_a   174.620
_cell.length_b   174.620
_cell.length_c   117.840
_cell.angle_alpha   90.00
_cell.angle_beta   90.00
_cell.angle_gamma   120.00
#
_symmetry.space_group_name_H-M   'H 3 2'
#
loop_
_entity.id
_entity.type
_entity.pdbx_description
1 polymer 'Mediator of RNA polymerase II transcription subunit 7'
2 polymer 'Mediator of RNA polymerase II transcription subunit 31'
3 water water
#
loop_
_entity_poly.entity_id
_entity_poly.type
_entity_poly.pdbx_seq_one_letter_code
_entity_poly.pdbx_strand_id
1 'polypeptide(L)'
;MASNDPGNEVSSYSPTSPSYVKFFTQSNLEKLPKYKEKKAASAKQTAPNNSNGGSEEEITCALDYLIPPPMPKNQQYRAF
GSIW
;
A,C
2 'polypeptide(L)'
;GSHMSSTNGNAPATPSSDQNPLPTRFEVELEFIQSLANIQYVTYLLTQQQIWKSPNFKNYLKYLEYWCNPPYSQCIVYPN
CLFILKLLNGFMESAIVNEDGLLEGLDELPKIIQLQGPQWMNEMVERWAN
;
B,D
#
# COMPACT_ATOMS: atom_id res chain seq x y z
N THR A 16 13.14 10.07 11.78
CA THR A 16 13.85 9.94 10.50
C THR A 16 14.16 8.47 10.17
N SER A 17 14.76 8.25 9.00
CA SER A 17 15.06 6.89 8.51
C SER A 17 16.50 6.51 8.83
N PRO A 18 16.82 5.20 8.79
CA PRO A 18 18.17 4.71 9.15
C PRO A 18 19.25 5.36 8.30
N SER A 19 20.39 5.64 8.91
CA SER A 19 21.50 6.30 8.19
C SER A 19 21.85 5.59 6.88
N TYR A 20 21.66 4.28 6.83
CA TYR A 20 22.05 3.49 5.67
C TYR A 20 21.38 3.87 4.35
N VAL A 21 20.35 4.70 4.37
CA VAL A 21 19.67 5.01 3.13
C VAL A 21 20.62 5.71 2.16
N LYS A 22 21.57 6.46 2.69
CA LYS A 22 22.43 7.32 1.88
C LYS A 22 23.21 6.57 0.83
N PHE A 23 23.43 5.28 1.07
CA PHE A 23 24.23 4.45 0.17
C PHE A 23 23.43 3.90 -1.00
N PHE A 24 22.13 4.12 -1.00
CA PHE A 24 21.28 3.48 -1.99
C PHE A 24 21.06 4.32 -3.24
N THR A 25 22.16 4.52 -3.97
CA THR A 25 22.19 5.32 -5.18
C THR A 25 22.18 4.42 -6.39
N GLN A 26 21.77 4.94 -7.54
CA GLN A 26 21.66 4.08 -8.71
C GLN A 26 23.02 3.59 -9.19
N SER A 27 24.05 4.37 -8.91
CA SER A 27 25.43 4.00 -9.21
C SER A 27 25.87 2.74 -8.46
N ASN A 28 25.76 2.76 -7.14
CA ASN A 28 26.13 1.61 -6.32
C ASN A 28 25.30 0.39 -6.70
N LEU A 29 24.03 0.63 -7.01
CA LEU A 29 23.15 -0.44 -7.40
C LEU A 29 23.67 -1.17 -8.63
N GLU A 30 24.21 -0.40 -9.57
CA GLU A 30 24.75 -0.96 -10.81
C GLU A 30 26.00 -1.78 -10.54
N LYS A 31 26.81 -1.32 -9.59
CA LYS A 31 28.06 -2.00 -9.27
C LYS A 31 27.84 -3.25 -8.42
N LEU A 32 26.64 -3.38 -7.86
CA LEU A 32 26.33 -4.45 -6.91
C LEU A 32 26.50 -5.87 -7.45
N PRO A 33 25.96 -6.14 -8.66
CA PRO A 33 26.02 -7.53 -9.15
C PRO A 33 27.45 -8.06 -9.20
N LYS A 34 28.38 -7.24 -9.70
CA LYS A 34 29.79 -7.64 -9.80
C LYS A 34 30.44 -7.81 -8.43
N TYR A 35 30.18 -6.86 -7.54
CA TYR A 35 30.67 -6.94 -6.16
C TYR A 35 30.26 -8.25 -5.50
N LYS A 36 29.03 -8.68 -5.74
CA LYS A 36 28.52 -9.89 -5.13
C LYS A 36 29.34 -11.13 -5.53
N GLU A 37 29.82 -11.14 -6.77
CA GLU A 37 30.63 -12.25 -7.27
C GLU A 37 32.02 -12.26 -6.67
N LYS A 38 32.67 -11.10 -6.71
CA LYS A 38 34.01 -10.97 -6.14
C LYS A 38 34.06 -11.43 -4.70
N LYS A 39 32.97 -11.19 -3.98
CA LYS A 39 32.91 -11.54 -2.57
C LYS A 39 32.88 -13.06 -2.39
N ALA A 40 32.30 -13.76 -3.36
CA ALA A 40 32.24 -15.22 -3.33
C ALA A 40 33.65 -15.84 -3.44
N ALA A 41 34.64 -15.00 -3.68
CA ALA A 41 36.02 -15.47 -3.79
C ALA A 41 36.70 -15.46 -2.43
N GLU A 57 29.38 -8.47 12.14
CA GLU A 57 29.69 -7.19 11.51
C GLU A 57 31.06 -7.22 10.83
N GLU A 58 31.09 -6.82 9.57
CA GLU A 58 32.31 -6.91 8.77
C GLU A 58 32.23 -5.92 7.62
N ILE A 59 31.90 -4.66 7.93
CA ILE A 59 31.68 -3.65 6.89
C ILE A 59 32.99 -3.00 6.49
N THR A 60 33.25 -2.97 5.18
CA THR A 60 34.51 -2.46 4.65
C THR A 60 34.32 -1.48 3.50
N CYS A 61 33.11 -1.41 2.94
CA CYS A 61 32.81 -0.40 1.95
C CYS A 61 31.31 -0.14 1.84
N ALA A 62 30.94 0.83 1.02
CA ALA A 62 29.56 1.26 0.91
C ALA A 62 28.62 0.20 0.32
N LEU A 63 29.16 -0.65 -0.55
CA LEU A 63 28.34 -1.65 -1.24
C LEU A 63 27.89 -2.76 -0.30
N ASP A 64 28.59 -2.88 0.83
CA ASP A 64 28.25 -3.88 1.82
C ASP A 64 26.90 -3.62 2.49
N TYR A 65 26.42 -2.39 2.37
CA TYR A 65 25.18 -1.95 2.98
C TYR A 65 23.96 -2.30 2.12
N LEU A 66 24.22 -2.73 0.88
CA LEU A 66 23.18 -3.10 -0.08
C LEU A 66 22.93 -4.60 -0.05
N ILE A 67 23.33 -5.20 1.06
CA ILE A 67 23.32 -6.61 1.23
C ILE A 67 22.88 -6.87 2.65
N PRO A 68 21.75 -7.59 2.80
CA PRO A 68 21.10 -7.74 4.09
C PRO A 68 22.05 -8.27 5.14
N PRO A 69 21.91 -7.78 6.39
CA PRO A 69 22.73 -8.29 7.50
C PRO A 69 22.48 -9.76 7.74
N PRO A 70 23.39 -10.42 8.49
CA PRO A 70 23.26 -11.85 8.76
C PRO A 70 22.43 -12.08 10.00
N MET A 71 21.72 -13.19 10.03
CA MET A 71 20.94 -13.57 11.21
C MET A 71 21.81 -13.90 12.42
N PRO A 72 21.51 -13.28 13.56
CA PRO A 72 22.16 -13.54 14.85
C PRO A 72 21.96 -15.00 15.28
N LYS A 73 22.80 -15.46 16.20
CA LYS A 73 22.73 -16.85 16.64
C LYS A 73 21.63 -17.06 17.66
N ASN A 74 21.43 -16.05 18.50
CA ASN A 74 20.46 -16.11 19.59
C ASN A 74 19.02 -16.06 19.11
N GLN A 75 18.32 -17.18 19.26
CA GLN A 75 16.98 -17.31 18.72
C GLN A 75 15.93 -16.57 19.55
N GLN A 76 16.42 -15.74 20.47
CA GLN A 76 15.58 -14.79 21.19
C GLN A 76 15.10 -13.73 20.20
N TYR A 77 15.78 -13.64 19.06
CA TYR A 77 15.37 -12.78 17.97
C TYR A 77 14.23 -13.39 17.16
N ARG A 78 13.76 -14.55 17.57
CA ARG A 78 12.63 -15.16 16.90
C ARG A 78 11.36 -14.69 17.60
N ALA A 79 10.35 -14.37 16.80
CA ALA A 79 9.15 -13.74 17.33
C ALA A 79 8.45 -14.64 18.33
N PHE A 80 8.00 -14.07 19.44
CA PHE A 80 7.26 -14.82 20.45
C PHE A 80 5.80 -14.91 20.06
N GLY A 81 5.35 -14.00 19.20
CA GLY A 81 3.97 -13.97 18.80
C GLY A 81 3.67 -12.94 17.72
N SER A 82 2.40 -12.58 17.61
CA SER A 82 1.99 -11.60 16.64
C SER A 82 1.19 -10.52 17.29
N ILE A 83 1.40 -9.30 16.81
CA ILE A 83 0.69 -8.13 17.27
C ILE A 83 0.08 -7.43 16.06
N TRP A 84 -1.25 -7.39 16.02
CA TRP A 84 -1.98 -6.85 14.88
C TRP A 84 -2.70 -5.57 15.22
N SER B 17 21.71 2.34 34.65
CA SER B 17 20.68 1.37 35.03
C SER B 17 20.11 0.64 33.82
N ASP B 18 19.05 1.21 33.25
CA ASP B 18 18.30 0.59 32.15
C ASP B 18 19.11 0.36 30.87
N GLN B 19 20.38 0.73 30.88
CA GLN B 19 21.12 0.92 29.63
C GLN B 19 21.86 -0.27 29.00
N ASN B 20 21.79 -0.30 27.68
CA ASN B 20 22.52 -1.27 26.88
C ASN B 20 23.05 -0.61 25.62
N PRO B 21 24.04 -1.26 24.99
CA PRO B 21 24.75 -0.86 23.79
C PRO B 21 23.81 -0.34 22.73
N LEU B 22 24.36 0.41 21.78
CA LEU B 22 23.60 0.86 20.64
C LEU B 22 23.30 -0.34 19.77
N PRO B 23 22.24 -0.24 18.97
CA PRO B 23 21.78 -1.34 18.09
C PRO B 23 22.69 -1.65 16.91
N THR B 24 22.51 -2.86 16.41
CA THR B 24 23.14 -3.36 15.21
C THR B 24 22.38 -2.92 13.98
N ARG B 25 22.91 -3.23 12.81
CA ARG B 25 22.25 -2.92 11.55
C ARG B 25 21.07 -3.82 11.37
N PHE B 26 21.26 -5.09 11.69
CA PHE B 26 20.16 -6.04 11.73
C PHE B 26 19.11 -5.53 12.69
N GLU B 27 19.51 -5.22 13.92
CA GLU B 27 18.58 -4.73 14.93
C GLU B 27 17.87 -3.44 14.51
N VAL B 28 18.56 -2.60 13.78
CA VAL B 28 18.02 -1.32 13.38
C VAL B 28 17.02 -1.48 12.26
N GLU B 29 17.28 -2.42 11.37
CA GLU B 29 16.43 -2.58 10.20
C GLU B 29 15.18 -3.33 10.59
N LEU B 30 15.31 -4.21 11.57
CA LEU B 30 14.18 -4.94 12.09
C LEU B 30 13.25 -3.98 12.82
N GLU B 31 13.81 -3.11 13.64
CA GLU B 31 13.01 -2.10 14.33
C GLU B 31 12.31 -1.18 13.34
N PHE B 32 12.99 -0.88 12.23
CA PHE B 32 12.45 0.05 11.26
C PHE B 32 11.38 -0.57 10.38
N ILE B 33 11.67 -1.70 9.76
CA ILE B 33 10.65 -2.31 8.91
C ILE B 33 9.34 -2.49 9.65
N GLN B 34 9.43 -2.77 10.95
CA GLN B 34 8.26 -3.09 11.76
C GLN B 34 7.42 -1.89 12.13
N SER B 35 8.01 -0.71 12.15
CA SER B 35 7.22 0.47 12.46
C SER B 35 6.36 0.92 11.28
N LEU B 36 6.57 0.33 10.11
CA LEU B 36 5.72 0.58 8.95
C LEU B 36 4.38 -0.12 9.13
N ALA B 37 4.25 -0.83 10.25
CA ALA B 37 3.02 -1.51 10.59
C ALA B 37 1.98 -0.51 11.05
N ASN B 38 2.44 0.70 11.38
CA ASN B 38 1.57 1.76 11.86
C ASN B 38 1.30 2.79 10.76
N ILE B 39 0.06 2.83 10.29
CA ILE B 39 -0.31 3.62 9.11
C ILE B 39 -0.06 5.12 9.21
N GLN B 40 -0.29 5.70 10.38
CA GLN B 40 0.02 7.12 10.59
C GLN B 40 1.47 7.40 10.22
N TYR B 41 2.38 6.52 10.62
CA TYR B 41 3.80 6.73 10.39
C TYR B 41 4.12 6.63 8.90
N VAL B 42 3.65 5.56 8.27
CA VAL B 42 3.85 5.38 6.84
C VAL B 42 3.33 6.58 6.06
N THR B 43 2.29 7.21 6.59
CA THR B 43 1.72 8.40 5.98
C THR B 43 2.66 9.57 6.13
N TYR B 44 3.16 9.78 7.34
CA TYR B 44 4.12 10.83 7.60
C TYR B 44 5.29 10.77 6.62
N LEU B 45 5.59 9.57 6.12
CA LEU B 45 6.72 9.41 5.23
C LEU B 45 6.39 9.84 3.79
N LEU B 46 5.30 9.32 3.24
CA LEU B 46 4.92 9.65 1.86
C LEU B 46 4.66 11.13 1.67
N THR B 47 4.43 11.83 2.78
CA THR B 47 4.27 13.27 2.76
C THR B 47 5.53 13.91 3.38
N GLN B 48 6.67 13.44 2.89
CA GLN B 48 7.93 14.12 3.06
C GLN B 48 8.28 14.67 1.70
N GLN B 49 9.05 15.74 1.69
CA GLN B 49 9.41 16.38 0.43
C GLN B 49 10.77 15.86 -0.01
N GLN B 50 11.70 15.74 0.93
CA GLN B 50 13.08 15.44 0.59
C GLN B 50 13.27 14.02 0.05
N ILE B 51 12.64 13.05 0.71
CA ILE B 51 12.97 11.64 0.48
C ILE B 51 12.62 11.12 -0.93
N TRP B 52 11.80 11.87 -1.65
CA TRP B 52 11.36 11.47 -2.97
C TRP B 52 12.06 12.23 -4.08
N LYS B 53 13.00 13.10 -3.71
CA LYS B 53 13.85 13.73 -4.70
C LYS B 53 14.74 12.66 -5.30
N SER B 54 15.46 11.97 -4.43
CA SER B 54 16.35 10.88 -4.82
C SER B 54 15.73 9.50 -4.65
N PRO B 55 16.10 8.58 -5.53
CA PRO B 55 15.69 7.17 -5.56
C PRO B 55 16.23 6.42 -4.36
N ASN B 56 17.03 7.09 -3.54
CA ASN B 56 17.58 6.44 -2.38
C ASN B 56 16.53 5.77 -1.54
N PHE B 57 15.58 6.55 -1.03
CA PHE B 57 14.56 5.96 -0.18
C PHE B 57 13.75 4.87 -0.86
N LYS B 58 13.27 5.12 -2.07
CA LYS B 58 12.58 4.10 -2.85
C LYS B 58 13.41 2.82 -2.99
N ASN B 59 14.70 2.97 -3.29
CA ASN B 59 15.56 1.81 -3.50
C ASN B 59 15.81 1.06 -2.22
N TYR B 60 15.83 1.80 -1.12
CA TYR B 60 16.07 1.21 0.19
C TYR B 60 14.90 0.31 0.59
N LEU B 61 13.67 0.82 0.40
CA LEU B 61 12.48 0.06 0.75
C LEU B 61 12.34 -1.22 -0.09
N LYS B 62 12.84 -1.21 -1.32
CA LYS B 62 12.82 -2.46 -2.06
C LYS B 62 13.86 -3.44 -1.50
N TYR B 63 15.01 -2.91 -1.06
CA TYR B 63 16.04 -3.75 -0.42
C TYR B 63 15.50 -4.46 0.83
N LEU B 64 14.59 -3.81 1.54
CA LEU B 64 14.08 -4.30 2.83
C LEU B 64 13.12 -5.47 2.69
N GLU B 65 12.76 -5.82 1.46
CA GLU B 65 11.91 -6.98 1.22
C GLU B 65 12.65 -8.28 1.56
N TYR B 66 13.84 -8.15 2.12
CA TYR B 66 14.62 -9.32 2.45
C TYR B 66 14.01 -9.95 3.70
N TRP B 67 13.20 -9.16 4.39
CA TRP B 67 12.52 -9.62 5.59
C TRP B 67 11.31 -10.48 5.23
N CYS B 68 10.85 -10.34 4.00
CA CYS B 68 9.67 -11.06 3.52
C CYS B 68 9.92 -12.56 3.36
N ASN B 69 11.17 -12.97 3.54
CA ASN B 69 11.55 -14.35 3.37
C ASN B 69 12.24 -14.89 4.62
N PRO B 70 12.23 -16.21 4.78
CA PRO B 70 13.00 -16.81 5.88
C PRO B 70 14.47 -16.73 5.58
N PRO B 71 15.31 -16.75 6.62
CA PRO B 71 14.93 -16.87 8.03
C PRO B 71 14.44 -15.56 8.62
N TYR B 72 14.47 -14.48 7.84
CA TYR B 72 14.20 -13.16 8.35
C TYR B 72 12.80 -13.03 8.89
N SER B 73 11.84 -13.42 8.06
CA SER B 73 10.42 -13.29 8.36
C SER B 73 10.02 -13.88 9.73
N GLN B 74 10.74 -14.89 10.19
CA GLN B 74 10.53 -15.47 11.51
C GLN B 74 10.81 -14.54 12.69
N CYS B 75 11.32 -13.34 12.39
CA CYS B 75 11.73 -12.40 13.42
C CYS B 75 10.69 -11.31 13.64
N ILE B 76 9.85 -11.12 12.62
CA ILE B 76 8.77 -10.16 12.61
C ILE B 76 7.68 -10.47 13.66
N VAL B 77 7.42 -9.51 14.55
CA VAL B 77 6.36 -9.62 15.55
C VAL B 77 5.11 -8.88 15.09
N TYR B 78 5.30 -7.93 14.18
CA TYR B 78 4.23 -7.10 13.68
C TYR B 78 4.05 -7.37 12.21
N PRO B 79 3.23 -8.36 11.87
CA PRO B 79 3.12 -8.90 10.51
C PRO B 79 2.53 -7.94 9.48
N ASN B 80 1.72 -6.98 9.90
CA ASN B 80 1.14 -6.02 8.96
C ASN B 80 2.22 -5.27 8.17
N CYS B 81 3.39 -5.11 8.78
CA CYS B 81 4.45 -4.31 8.19
C CYS B 81 4.95 -4.87 6.86
N LEU B 82 4.95 -6.19 6.74
CA LEU B 82 5.40 -6.88 5.52
C LEU B 82 4.43 -6.69 4.37
N PHE B 83 3.15 -6.63 4.68
CA PHE B 83 2.15 -6.43 3.65
C PHE B 83 2.23 -4.98 3.16
N ILE B 84 2.12 -4.04 4.09
CA ILE B 84 2.27 -2.61 3.80
C ILE B 84 3.56 -2.31 3.03
N LEU B 85 4.64 -2.97 3.40
CA LEU B 85 5.89 -2.79 2.67
C LEU B 85 5.74 -3.17 1.20
N LYS B 86 5.13 -4.33 0.95
CA LYS B 86 4.94 -4.83 -0.42
C LYS B 86 4.07 -3.90 -1.26
N LEU B 87 3.02 -3.36 -0.65
CA LEU B 87 2.13 -2.43 -1.33
C LEU B 87 2.86 -1.16 -1.67
N LEU B 88 3.47 -0.60 -0.64
CA LEU B 88 4.26 0.61 -0.74
C LEU B 88 5.25 0.49 -1.90
N ASN B 89 5.85 -0.68 -2.06
CA ASN B 89 6.81 -0.89 -3.14
C ASN B 89 6.19 -0.85 -4.53
N GLY B 90 5.12 -1.61 -4.74
CA GLY B 90 4.46 -1.59 -6.03
C GLY B 90 3.92 -0.21 -6.37
N PHE B 91 3.41 0.47 -5.36
CA PHE B 91 2.95 1.83 -5.52
C PHE B 91 4.03 2.67 -6.19
N MET B 92 5.27 2.50 -5.70
CA MET B 92 6.40 3.35 -6.09
C MET B 92 6.79 3.28 -7.55
N GLU B 93 6.80 2.08 -8.10
CA GLU B 93 7.20 1.87 -9.49
C GLU B 93 6.39 2.75 -10.44
N SER B 94 5.08 2.64 -10.34
CA SER B 94 4.17 3.40 -11.18
C SER B 94 3.98 4.81 -10.65
N ALA B 95 4.36 5.03 -9.39
CA ALA B 95 4.18 6.33 -8.76
C ALA B 95 4.86 7.43 -9.55
N ILE B 96 4.15 8.53 -9.73
CA ILE B 96 4.68 9.69 -10.45
C ILE B 96 5.11 10.74 -9.45
N VAL B 97 6.39 11.09 -9.48
CA VAL B 97 6.95 12.01 -8.50
C VAL B 97 6.92 13.46 -9.01
N ASN B 98 6.39 14.37 -8.20
CA ASN B 98 6.39 15.79 -8.53
C ASN B 98 7.82 16.31 -8.58
N GLU B 99 8.00 17.58 -8.90
CA GLU B 99 9.33 18.15 -9.07
C GLU B 99 10.01 18.52 -7.74
N ASP B 100 9.20 18.71 -6.70
CA ASP B 100 9.72 19.08 -5.38
C ASP B 100 10.07 17.83 -4.57
N GLY B 101 9.12 16.89 -4.54
CA GLY B 101 9.24 15.69 -3.75
C GLY B 101 7.85 15.12 -3.54
N LEU B 102 6.87 16.02 -3.55
CA LEU B 102 5.47 15.64 -3.51
C LEU B 102 5.21 14.43 -4.41
N LEU B 103 4.69 13.36 -3.83
CA LEU B 103 4.27 12.22 -4.63
C LEU B 103 2.91 12.54 -5.25
N GLU B 104 2.89 12.65 -6.58
CA GLU B 104 1.74 13.16 -7.30
C GLU B 104 0.38 12.63 -6.82
N GLY B 105 0.21 11.31 -6.86
CA GLY B 105 -1.08 10.69 -6.61
C GLY B 105 -1.73 10.92 -5.25
N LEU B 106 -1.08 11.67 -4.37
CA LEU B 106 -1.57 11.84 -3.01
C LEU B 106 -1.88 13.28 -2.64
N ASP B 107 -1.46 14.20 -3.49
CA ASP B 107 -1.62 15.64 -3.24
C ASP B 107 -2.99 15.98 -2.64
N GLU B 108 -4.02 15.31 -3.13
CA GLU B 108 -5.41 15.62 -2.78
C GLU B 108 -5.83 15.37 -1.33
N LEU B 109 -5.20 14.39 -0.68
CA LEU B 109 -5.63 13.97 0.66
C LEU B 109 -5.31 15.01 1.75
N PRO B 110 -5.93 14.85 2.93
CA PRO B 110 -5.72 15.75 4.07
C PRO B 110 -4.49 15.39 4.90
N THR C 16 -18.18 -9.89 1.78
CA THR C 16 -17.44 -9.50 0.58
C THR C 16 -17.74 -8.07 0.12
N SER C 17 -17.60 -7.86 -1.18
CA SER C 17 -17.67 -6.54 -1.79
C SER C 17 -19.00 -6.28 -2.51
N PRO C 18 -19.28 -5.01 -2.80
CA PRO C 18 -20.48 -4.63 -3.54
C PRO C 18 -20.69 -5.45 -4.80
N SER C 19 -21.96 -5.57 -5.19
CA SER C 19 -22.34 -6.28 -6.41
C SER C 19 -22.15 -5.41 -7.65
N TYR C 20 -22.10 -4.09 -7.43
CA TYR C 20 -21.94 -3.12 -8.52
C TYR C 20 -20.69 -3.41 -9.31
N VAL C 21 -19.79 -4.19 -8.73
CA VAL C 21 -18.50 -4.43 -9.37
C VAL C 21 -18.68 -5.09 -10.74
N LYS C 22 -19.79 -5.80 -10.92
CA LYS C 22 -20.06 -6.56 -12.14
C LYS C 22 -20.24 -5.70 -13.39
N PHE C 23 -20.63 -4.44 -13.22
CA PHE C 23 -20.79 -3.54 -14.37
C PHE C 23 -19.47 -2.90 -14.81
N PHE C 24 -18.41 -3.11 -14.04
CA PHE C 24 -17.18 -2.37 -14.28
C PHE C 24 -16.27 -3.04 -15.31
N THR C 25 -16.85 -3.39 -16.44
CA THR C 25 -16.13 -4.02 -17.53
C THR C 25 -15.42 -2.94 -18.35
N GLN C 26 -14.44 -3.35 -19.14
CA GLN C 26 -13.69 -2.38 -19.96
C GLN C 26 -14.62 -1.82 -21.01
N SER C 27 -15.46 -2.71 -21.54
CA SER C 27 -16.44 -2.36 -22.55
C SER C 27 -17.26 -1.15 -22.12
N ASN C 28 -17.84 -1.23 -20.93
CA ASN C 28 -18.69 -0.17 -20.42
C ASN C 28 -17.94 1.12 -20.13
N LEU C 29 -16.71 0.98 -19.67
CA LEU C 29 -15.87 2.12 -19.36
C LEU C 29 -15.64 2.95 -20.61
N GLU C 30 -15.51 2.25 -21.74
CA GLU C 30 -15.28 2.90 -23.02
C GLU C 30 -16.51 3.64 -23.53
N LYS C 31 -17.69 3.11 -23.21
CA LYS C 31 -18.95 3.72 -23.62
C LYS C 31 -19.37 4.83 -22.67
N LEU C 32 -18.66 4.95 -21.55
CA LEU C 32 -19.04 5.90 -20.51
C LEU C 32 -18.88 7.37 -20.92
N PRO C 33 -17.77 7.69 -21.61
CA PRO C 33 -17.54 9.09 -21.99
C PRO C 33 -18.71 9.66 -22.78
N LYS C 34 -19.11 8.97 -23.84
CA LYS C 34 -20.23 9.39 -24.67
C LYS C 34 -21.50 9.55 -23.84
N TYR C 35 -21.92 8.46 -23.20
CA TYR C 35 -23.06 8.48 -22.29
C TYR C 35 -23.06 9.70 -21.37
N LYS C 36 -21.90 10.03 -20.80
CA LYS C 36 -21.80 11.10 -19.80
C LYS C 36 -22.29 12.44 -20.31
N GLU C 37 -21.82 12.84 -21.49
CA GLU C 37 -22.20 14.12 -22.06
C GLU C 37 -23.59 14.05 -22.67
N LYS C 38 -23.95 12.87 -23.17
CA LYS C 38 -25.27 12.68 -23.73
C LYS C 38 -26.34 12.84 -22.64
N LYS C 39 -25.94 12.63 -21.39
CA LYS C 39 -26.88 12.77 -20.29
C LYS C 39 -27.13 14.23 -19.99
N ALA C 40 -26.20 15.08 -20.41
CA ALA C 40 -26.37 16.54 -20.31
C ALA C 40 -27.50 16.99 -21.22
N ALA C 41 -28.66 16.36 -21.07
CA ALA C 41 -29.85 16.69 -21.84
C ALA C 41 -30.90 17.27 -20.91
N THR C 60 -31.08 3.19 -12.93
CA THR C 60 -31.88 3.13 -14.16
C THR C 60 -31.15 2.51 -15.37
N CYS C 61 -29.85 2.27 -15.27
CA CYS C 61 -29.14 1.49 -16.30
C CYS C 61 -27.68 1.19 -15.92
N ALA C 62 -27.07 0.24 -16.61
CA ALA C 62 -25.73 -0.23 -16.23
C ALA C 62 -24.71 0.89 -16.00
N LEU C 63 -24.49 1.72 -17.01
CA LEU C 63 -23.47 2.76 -16.93
C LEU C 63 -23.68 3.71 -15.74
N ASP C 64 -24.93 3.94 -15.36
CA ASP C 64 -25.24 4.79 -14.21
C ASP C 64 -24.45 4.41 -12.96
N TYR C 65 -23.98 3.18 -12.91
CA TYR C 65 -23.29 2.65 -11.74
C TYR C 65 -21.79 2.98 -11.73
N LEU C 66 -21.28 3.47 -12.86
CA LEU C 66 -19.89 3.89 -12.99
C LEU C 66 -19.77 5.38 -12.71
N ILE C 67 -20.81 5.93 -12.11
CA ILE C 67 -20.88 7.34 -11.80
C ILE C 67 -21.21 7.50 -10.33
N PRO C 68 -20.37 8.22 -9.59
CA PRO C 68 -20.56 8.31 -8.14
C PRO C 68 -21.97 8.76 -7.75
N PRO C 69 -22.53 8.16 -6.70
CA PRO C 69 -23.85 8.55 -6.17
C PRO C 69 -23.78 9.97 -5.60
N PRO C 70 -24.93 10.61 -5.43
CA PRO C 70 -24.92 11.99 -4.97
C PRO C 70 -25.01 12.03 -3.46
N MET C 71 -24.77 13.19 -2.87
CA MET C 71 -24.90 13.33 -1.42
C MET C 71 -26.34 13.21 -0.93
N PRO C 72 -26.51 12.50 0.18
CA PRO C 72 -27.80 12.33 0.86
C PRO C 72 -28.49 13.65 1.09
N LYS C 73 -29.81 13.67 0.91
CA LYS C 73 -30.64 14.80 1.34
C LYS C 73 -30.46 15.01 2.85
N ASN C 74 -30.44 13.92 3.59
CA ASN C 74 -30.17 13.96 5.02
C ASN C 74 -28.71 14.27 5.30
N GLN C 75 -28.48 14.97 6.40
CA GLN C 75 -27.13 15.35 6.78
C GLN C 75 -26.77 14.67 8.08
N GLN C 76 -26.26 13.45 7.98
CA GLN C 76 -25.92 12.69 9.18
C GLN C 76 -24.54 12.07 9.06
N TYR C 77 -23.88 12.30 7.93
CA TYR C 77 -22.61 11.65 7.65
C TYR C 77 -21.34 12.51 7.78
N ARG C 78 -21.39 13.78 7.35
CA ARG C 78 -20.25 14.67 7.57
C ARG C 78 -19.79 14.65 9.03
N ALA C 79 -18.52 14.32 9.26
CA ALA C 79 -17.97 14.28 10.61
C ALA C 79 -16.82 15.28 10.74
N PHE C 80 -16.18 15.57 9.62
CA PHE C 80 -15.15 16.58 9.59
C PHE C 80 -15.41 17.56 8.43
N GLY C 81 -16.42 18.43 8.63
CA GLY C 81 -16.80 19.42 7.66
C GLY C 81 -18.29 19.76 7.60
N SER D 17 -40.04 0.94 16.89
CA SER D 17 -40.44 -0.46 16.79
C SER D 17 -40.49 -0.91 15.33
N ASP D 18 -39.62 -0.34 14.51
CA ASP D 18 -39.64 -0.60 13.07
C ASP D 18 -38.40 -1.38 12.60
N GLN D 19 -38.27 -1.53 11.29
CA GLN D 19 -37.16 -2.29 10.69
C GLN D 19 -36.10 -1.35 10.14
N ASN D 20 -34.83 -1.76 10.23
CA ASN D 20 -33.74 -0.98 9.67
C ASN D 20 -33.95 -0.75 8.20
N PRO D 21 -33.54 0.43 7.70
CA PRO D 21 -33.66 0.56 6.25
C PRO D 21 -32.52 -0.21 5.61
N LEU D 22 -32.66 -0.48 4.33
CA LEU D 22 -31.59 -1.08 3.56
C LEU D 22 -30.67 0.06 3.13
N PRO D 23 -29.40 -0.26 2.86
CA PRO D 23 -28.47 0.78 2.45
C PRO D 23 -28.76 1.33 1.07
N THR D 24 -28.42 2.60 0.93
CA THR D 24 -28.30 3.28 -0.34
C THR D 24 -26.97 2.90 -0.98
N ARG D 25 -26.86 3.12 -2.28
CA ARG D 25 -25.60 2.89 -2.99
C ARG D 25 -24.50 3.73 -2.36
N PHE D 26 -24.85 4.93 -1.94
CA PHE D 26 -23.93 5.80 -1.21
C PHE D 26 -23.55 5.20 0.15
N GLU D 27 -24.52 4.80 0.96
CA GLU D 27 -24.21 4.19 2.24
C GLU D 27 -23.50 2.84 2.06
N VAL D 28 -23.74 2.17 0.94
CA VAL D 28 -23.07 0.89 0.68
C VAL D 28 -21.60 1.12 0.37
N GLU D 29 -21.31 2.11 -0.46
CA GLU D 29 -19.93 2.42 -0.80
C GLU D 29 -19.18 3.09 0.36
N LEU D 30 -19.85 3.95 1.10
CA LEU D 30 -19.27 4.54 2.31
C LEU D 30 -18.78 3.50 3.29
N GLU D 31 -19.55 2.43 3.45
CA GLU D 31 -19.20 1.43 4.44
C GLU D 31 -18.09 0.53 3.92
N PHE D 32 -18.13 0.25 2.62
CA PHE D 32 -17.15 -0.60 2.00
C PHE D 32 -15.78 0.06 2.04
N ILE D 33 -15.68 1.28 1.52
CA ILE D 33 -14.39 1.95 1.47
C ILE D 33 -13.70 2.02 2.82
N GLN D 34 -14.46 2.26 3.88
CA GLN D 34 -13.88 2.40 5.21
C GLN D 34 -13.46 1.05 5.79
N SER D 35 -13.95 -0.03 5.20
CA SER D 35 -13.51 -1.36 5.59
C SER D 35 -12.07 -1.58 5.13
N LEU D 36 -11.64 -0.77 4.17
CA LEU D 36 -10.28 -0.86 3.63
C LEU D 36 -9.26 -0.27 4.60
N ALA D 37 -9.75 0.30 5.69
CA ALA D 37 -8.88 0.86 6.71
C ALA D 37 -8.43 -0.25 7.62
N ASN D 38 -8.85 -1.47 7.32
CA ASN D 38 -8.43 -2.64 8.08
C ASN D 38 -7.49 -3.55 7.28
N ILE D 39 -6.22 -3.57 7.68
CA ILE D 39 -5.18 -4.25 6.92
C ILE D 39 -5.40 -5.76 6.80
N GLN D 40 -5.93 -6.39 7.85
CA GLN D 40 -6.31 -7.80 7.77
C GLN D 40 -7.24 -7.98 6.58
N TYR D 41 -8.28 -7.16 6.54
CA TYR D 41 -9.26 -7.26 5.47
C TYR D 41 -8.65 -7.02 4.09
N VAL D 42 -7.94 -5.91 3.93
CA VAL D 42 -7.30 -5.63 2.65
C VAL D 42 -6.38 -6.77 2.21
N THR D 43 -5.61 -7.31 3.14
CA THR D 43 -4.76 -8.46 2.86
C THR D 43 -5.59 -9.56 2.24
N TYR D 44 -6.64 -9.97 2.94
CA TYR D 44 -7.54 -11.01 2.48
C TYR D 44 -8.03 -10.78 1.05
N LEU D 45 -8.26 -9.53 0.67
CA LEU D 45 -8.72 -9.25 -0.69
C LEU D 45 -7.64 -9.56 -1.71
N LEU D 46 -6.41 -9.15 -1.41
CA LEU D 46 -5.31 -9.35 -2.34
C LEU D 46 -4.94 -10.82 -2.51
N THR D 47 -5.26 -11.59 -1.48
CA THR D 47 -5.07 -13.03 -1.53
C THR D 47 -6.42 -13.72 -1.76
N GLN D 48 -7.02 -13.35 -2.89
CA GLN D 48 -8.28 -13.92 -3.36
C GLN D 48 -8.01 -14.46 -4.75
N GLN D 49 -8.61 -15.59 -5.07
CA GLN D 49 -8.33 -16.26 -6.34
C GLN D 49 -9.09 -15.63 -7.51
N GLN D 50 -10.36 -15.34 -7.30
CA GLN D 50 -11.26 -14.97 -8.39
C GLN D 50 -11.12 -13.53 -8.91
N ILE D 51 -11.12 -12.57 -7.97
CA ILE D 51 -11.34 -11.16 -8.30
C ILE D 51 -10.34 -10.49 -9.26
N TRP D 52 -9.14 -11.05 -9.36
CA TRP D 52 -8.09 -10.48 -10.21
C TRP D 52 -8.03 -11.15 -11.57
N LYS D 53 -8.86 -12.18 -11.74
CA LYS D 53 -9.03 -12.82 -13.05
C LYS D 53 -9.64 -11.84 -14.05
N SER D 54 -10.39 -10.87 -13.55
CA SER D 54 -10.96 -9.79 -14.37
C SER D 54 -10.72 -8.39 -13.78
N PRO D 55 -10.68 -7.38 -14.66
CA PRO D 55 -10.40 -5.97 -14.37
C PRO D 55 -11.53 -5.23 -13.64
N ASN D 56 -12.71 -5.84 -13.58
CA ASN D 56 -13.81 -5.34 -12.76
C ASN D 56 -13.36 -4.72 -11.45
N PHE D 57 -12.82 -5.55 -10.56
CA PHE D 57 -12.47 -5.09 -9.23
C PHE D 57 -11.42 -3.98 -9.26
N LYS D 58 -10.36 -4.19 -10.03
CA LYS D 58 -9.36 -3.16 -10.25
C LYS D 58 -10.03 -1.85 -10.67
N ASN D 59 -10.95 -1.94 -11.61
CA ASN D 59 -11.67 -0.77 -12.13
C ASN D 59 -12.60 -0.11 -11.09
N TYR D 60 -13.22 -0.92 -10.25
CA TYR D 60 -14.05 -0.43 -9.18
C TYR D 60 -13.22 0.36 -8.18
N LEU D 61 -12.14 -0.25 -7.69
CA LEU D 61 -11.24 0.40 -6.74
C LEU D 61 -10.76 1.76 -7.23
N LYS D 62 -10.50 1.88 -8.53
CA LYS D 62 -10.09 3.16 -9.08
C LYS D 62 -11.26 4.14 -9.07
N TYR D 63 -12.45 3.63 -9.38
CA TYR D 63 -13.68 4.40 -9.36
C TYR D 63 -13.93 5.02 -7.99
N LEU D 64 -13.62 4.25 -6.95
CA LEU D 64 -13.86 4.61 -5.55
C LEU D 64 -13.04 5.80 -5.05
N GLU D 65 -12.10 6.25 -5.87
CA GLU D 65 -11.27 7.36 -5.48
C GLU D 65 -12.08 8.67 -5.43
N TYR D 66 -13.37 8.58 -5.71
CA TYR D 66 -14.22 9.76 -5.64
C TYR D 66 -14.39 10.21 -4.20
N TRP D 67 -14.12 9.29 -3.27
CA TRP D 67 -14.18 9.58 -1.84
C TRP D 67 -13.00 10.43 -1.36
N CYS D 68 -12.04 10.63 -2.24
CA CYS D 68 -10.78 11.25 -1.84
C CYS D 68 -10.89 12.76 -1.92
N ASN D 69 -11.90 13.23 -2.64
CA ASN D 69 -12.16 14.65 -2.75
C ASN D 69 -13.47 15.00 -2.05
N PRO D 70 -13.70 16.29 -1.82
CA PRO D 70 -14.95 16.71 -1.18
C PRO D 70 -16.08 16.81 -2.19
N PRO D 71 -17.34 16.83 -1.72
CA PRO D 71 -17.74 16.79 -0.30
C PRO D 71 -17.54 15.41 0.33
N TYR D 72 -17.32 14.43 -0.54
CA TYR D 72 -17.22 13.03 -0.15
C TYR D 72 -16.30 12.79 1.03
N SER D 73 -15.06 13.23 0.90
CA SER D 73 -14.02 13.00 1.90
C SER D 73 -14.42 13.43 3.30
N GLN D 74 -15.34 14.37 3.42
CA GLN D 74 -15.77 14.88 4.73
C GLN D 74 -16.69 13.94 5.50
N CYS D 75 -17.13 12.88 4.84
CA CYS D 75 -17.99 11.88 5.46
C CYS D 75 -17.20 10.73 6.06
N ILE D 76 -15.92 10.64 5.70
CA ILE D 76 -15.05 9.58 6.17
C ILE D 76 -14.61 9.78 7.61
N VAL D 77 -15.07 8.89 8.49
CA VAL D 77 -14.75 8.89 9.92
C VAL D 77 -13.43 8.17 10.24
N TYR D 78 -12.97 7.39 9.28
CA TYR D 78 -11.83 6.51 9.43
C TYR D 78 -10.97 6.67 8.19
N PRO D 79 -10.19 7.76 8.13
CA PRO D 79 -9.59 8.23 6.88
C PRO D 79 -8.34 7.45 6.48
N ASN D 80 -7.79 6.62 7.36
CA ASN D 80 -6.70 5.75 6.95
C ASN D 80 -7.06 5.08 5.63
N CYS D 81 -8.33 4.70 5.50
CA CYS D 81 -8.81 4.00 4.32
C CYS D 81 -8.48 4.70 3.00
N LEU D 82 -8.44 6.03 3.01
CA LEU D 82 -8.22 6.81 1.78
C LEU D 82 -6.77 6.69 1.33
N PHE D 83 -5.88 6.63 2.31
CA PHE D 83 -4.47 6.40 2.05
C PHE D 83 -4.24 4.99 1.47
N ILE D 84 -4.76 3.99 2.16
CA ILE D 84 -4.63 2.62 1.71
C ILE D 84 -5.18 2.44 0.31
N LEU D 85 -6.30 3.08 0.01
CA LEU D 85 -6.90 2.91 -1.30
C LEU D 85 -5.98 3.47 -2.36
N LYS D 86 -5.34 4.60 -2.05
CA LYS D 86 -4.43 5.26 -2.97
C LYS D 86 -3.22 4.37 -3.28
N LEU D 87 -2.64 3.77 -2.24
CA LEU D 87 -1.56 2.80 -2.41
C LEU D 87 -2.00 1.62 -3.25
N LEU D 88 -3.05 0.97 -2.78
CA LEU D 88 -3.63 -0.21 -3.40
C LEU D 88 -3.89 0.00 -4.89
N ASN D 89 -4.41 1.17 -5.24
CA ASN D 89 -4.61 1.50 -6.65
C ASN D 89 -3.32 1.61 -7.46
N GLY D 90 -2.30 2.26 -6.90
CA GLY D 90 -1.02 2.42 -7.57
C GLY D 90 -0.34 1.09 -7.76
N PHE D 91 -0.37 0.29 -6.70
CA PHE D 91 0.05 -1.09 -6.78
C PHE D 91 -0.56 -1.84 -7.97
N MET D 92 -1.84 -1.57 -8.23
CA MET D 92 -2.58 -2.30 -9.26
C MET D 92 -2.14 -2.02 -10.69
N GLU D 93 -1.59 -0.84 -10.93
CA GLU D 93 -1.20 -0.44 -12.28
C GLU D 93 -0.01 -1.25 -12.75
N SER D 94 0.96 -1.42 -11.84
CA SER D 94 2.19 -2.10 -12.18
C SER D 94 2.14 -3.58 -11.80
N ALA D 95 1.04 -4.00 -11.19
CA ALA D 95 0.93 -5.38 -10.69
C ALA D 95 0.84 -6.42 -11.80
N ILE D 96 1.46 -7.57 -11.55
CA ILE D 96 1.47 -8.69 -12.48
C ILE D 96 0.68 -9.87 -11.91
N VAL D 97 -0.33 -10.34 -12.63
CA VAL D 97 -1.16 -11.43 -12.16
C VAL D 97 -1.02 -12.68 -13.05
N ASN D 98 -0.90 -13.85 -12.43
CA ASN D 98 -0.79 -15.10 -13.16
C ASN D 98 -2.15 -15.58 -13.64
N GLU D 99 -2.16 -16.64 -14.46
CA GLU D 99 -3.41 -17.23 -14.94
C GLU D 99 -4.22 -17.79 -13.77
N ASP D 100 -3.54 -17.99 -12.64
CA ASP D 100 -4.16 -18.55 -11.45
C ASP D 100 -5.20 -17.60 -10.87
N GLY D 101 -5.05 -16.31 -11.17
CA GLY D 101 -5.92 -15.30 -10.63
C GLY D 101 -5.35 -14.71 -9.36
N LEU D 102 -4.11 -15.08 -9.05
CA LEU D 102 -3.43 -14.61 -7.85
C LEU D 102 -2.39 -13.54 -8.16
N LEU D 103 -2.10 -12.70 -7.17
CA LEU D 103 -1.15 -11.60 -7.34
C LEU D 103 0.29 -12.04 -7.03
N GLU D 104 1.19 -11.79 -7.98
CA GLU D 104 2.57 -12.22 -7.85
C GLU D 104 3.39 -11.34 -6.92
N GLY D 105 4.25 -11.97 -6.14
CA GLY D 105 5.01 -11.26 -5.12
C GLY D 105 4.35 -11.50 -3.79
N LEU D 106 3.03 -11.53 -3.80
CA LEU D 106 2.27 -11.78 -2.58
C LEU D 106 2.23 -13.27 -2.26
N ASP D 107 3.32 -13.76 -1.71
CA ASP D 107 3.44 -15.17 -1.34
C ASP D 107 3.93 -15.28 0.11
N GLU D 108 3.00 -15.14 1.05
CA GLU D 108 3.33 -15.17 2.47
C GLU D 108 2.17 -15.65 3.36
N LEU D 109 2.29 -15.39 4.66
CA LEU D 109 1.34 -15.89 5.66
C LEU D 109 0.58 -14.78 6.39
N PRO D 110 -0.49 -15.13 7.12
CA PRO D 110 -1.02 -16.49 7.31
C PRO D 110 -1.64 -17.03 6.03
#